data_1GO6
#
_entry.id   1GO6
#
_cell.length_a   88.927
_cell.length_b   28.025
_cell.length_c   50.707
_cell.angle_alpha   90.00
_cell.angle_beta   90.00
_cell.angle_gamma   90.00
#
_symmetry.space_group_name_H-M   'P 21 21 2'
#
loop_
_entity.id
_entity.type
_entity.pdbx_description
1 polymer BALHIMYCIN
2 polymer 'PEPTIDE LYS-DAL-DAL'
3 non-polymer beta-D-glucopyranose
4 non-polymer (2R,4S,6S)-4-azanyl-4,6-dimethyl-oxane-2,5,5-triol
5 non-polymer 'CITRIC ACID'
6 non-polymer (4R)-2-METHYLPENTANE-2,4-DIOL
7 non-polymer (4S)-2-METHYL-2,4-PENTANEDIOL
8 water water
#
loop_
_entity_poly.entity_id
_entity_poly.type
_entity_poly.pdbx_seq_one_letter_code
_entity_poly.pdbx_strand_id
1 'polypeptide(L)' (MLU)(OMZ)N(GHP)(GHP)(OMY)(3FG) A,C,E,G,I,K,M,O
2 'polypeptide(L)' K(DAL)(DAL) B,D,F,H
#
loop_
_chem_comp.id
_chem_comp.type
_chem_comp.name
_chem_comp.formula
BGC D-saccharide, beta linking beta-D-glucopyranose 'C6 H12 O6'
CIT non-polymer 'CITRIC ACID' 'C6 H8 O7'
DVC L-saccharide, alpha linking (2R,4S,6S)-4-azanyl-4,6-dimethyl-oxane-2,5,5-triol 'C7 H15 N O4'
MPD non-polymer (4S)-2-METHYL-2,4-PENTANEDIOL 'C6 H14 O2'
MRD non-polymer (4R)-2-METHYLPENTANE-2,4-DIOL 'C6 H14 O2'
#
# COMPACT_ATOMS: atom_id res chain seq x y z
N MLU A 1 4.75 0.10 -3.19
CN MLU A 1 5.54 0.33 -4.46
CA MLU A 1 3.27 0.11 -3.40
C MLU A 1 2.93 -1.10 -4.26
O MLU A 1 3.16 -2.20 -3.85
CB MLU A 1 2.57 0.02 -2.05
CG MLU A 1 1.04 -0.02 -2.12
CD1 MLU A 1 0.44 1.26 -2.67
CD2 MLU A 1 0.49 -0.34 -0.74
N OMZ A 2 2.40 -0.84 -5.46
CA OMZ A 2 2.11 -1.92 -6.36
C OMZ A 2 0.65 -2.00 -6.80
O OMZ A 2 0.28 -3.01 -7.39
CB OMZ A 2 3.10 -2.04 -7.57
OC OMZ A 2 4.40 -1.91 -7.03
CG OMZ A 2 2.86 -0.99 -8.64
CD1 OMZ A 2 2.11 -1.36 -9.76
CD2 OMZ A 2 3.27 0.33 -8.51
CE1 OMZ A 2 1.77 -0.44 -10.72
CL OMZ A 2 0.90 -0.87 -12.09
CE2 OMZ A 2 2.92 1.28 -9.44
CZ OMZ A 2 2.13 0.89 -10.53
OH OMZ A 2 1.69 1.89 -11.41
N ASN A 3 -0.16 -1.01 -6.50
CA ASN A 3 -1.60 -1.13 -6.62
C ASN A 3 -2.16 -0.39 -7.83
N GHP A 4 -1.88 0.90 -7.96
CA GHP A 4 -2.57 1.76 -8.89
C GHP A 4 -3.23 2.90 -8.18
O GHP A 4 -2.63 3.62 -7.37
C1 GHP A 4 -1.65 2.36 -9.97
C2 GHP A 4 -0.40 1.84 -10.16
C3 GHP A 4 0.43 2.36 -11.17
C4 GHP A 4 0.01 3.42 -11.94
O4 GHP A 4 0.85 3.97 -12.90
C5 GHP A 4 -1.25 3.96 -11.69
C6 GHP A 4 -2.10 3.40 -10.75
N GHP A 5 -4.50 3.14 -8.52
CA GHP A 5 -5.11 4.36 -8.24
C GHP A 5 -6.14 4.67 -9.38
O GHP A 5 -6.56 3.75 -10.05
C1 GHP A 5 -5.87 4.48 -6.92
C2 GHP A 5 -6.96 3.64 -6.64
C3 GHP A 5 -7.71 3.83 -5.53
C4 GHP A 5 -7.43 4.90 -4.67
O4 GHP A 5 -8.18 5.15 -3.55
C5 GHP A 5 -6.37 5.75 -4.94
C6 GHP A 5 -5.59 5.49 -6.05
N OMY A 6 -6.60 5.90 -9.53
CA OMY A 6 -6.07 7.14 -8.92
OCZ OMY A 6 -1.62 5.04 -12.48
CE2 OMY A 6 -3.82 5.97 -12.54
CE1 OMY A 6 -2.32 6.63 -10.81
CZ OMY A 6 -2.58 5.88 -11.93
CG OMY A 6 -4.58 7.48 -10.83
CD2 OMY A 6 -4.80 6.74 -11.99
CD1 OMY A 6 -3.28 7.44 -10.21
CB OMY A 6 -5.67 8.13 -10.05
CL OMY A 6 -0.78 6.56 -10.04
O OMY A 6 -8.27 7.46 -8.02
C OMY A 6 -7.06 7.65 -7.89
ODE OMY A 6 -6.87 8.36 -10.78
N 3FG A 7 -6.53 8.26 -6.84
OD1 3FG A 7 -4.93 5.49 -2.47
CD1 3FG A 7 -5.33 6.74 -2.90
CG1 3FG A 7 -6.08 6.92 -4.08
CZ 3FG A 7 -4.94 7.81 -2.10
CD2 3FG A 7 -5.33 9.07 -2.44
OD2 3FG A 7 -4.99 10.16 -1.70
CG2 3FG A 7 -6.13 9.30 -3.57
CB 3FG A 7 -6.47 8.22 -4.38
CA 3FG A 7 -7.30 8.47 -5.64
C 3FG A 7 -7.96 9.88 -5.63
O 3FG A 7 -7.51 10.74 -6.43
OXT 3FG A 7 -8.93 9.98 -4.83
N LYS B 1 -2.49 10.66 -7.50
N LYS B 1 -2.81 10.73 -7.38
CA LYS B 1 -2.31 10.05 -6.15
CA LYS B 1 -2.38 10.06 -6.13
C LYS B 1 -2.56 8.55 -6.29
N DAL B 2 -1.69 7.78 -5.69
CA DAL B 2 -1.69 6.32 -5.75
CB DAL B 2 -2.30 5.71 -4.48
C DAL B 2 -0.29 5.88 -5.93
O DAL B 2 0.66 6.63 -5.65
N DAL B 3 -0.11 4.62 -6.32
CA DAL B 3 1.21 4.06 -6.46
CB DAL B 3 1.78 4.34 -7.85
C DAL B 3 1.20 2.55 -6.19
O DAL B 3 0.14 1.91 -6.20
OXT DAL B 3 2.33 2.04 -5.91
N MLU C 1 -7.33 7.82 0.80
CN MLU C 1 -7.54 9.30 0.65
CA MLU C 1 -5.99 7.44 1.30
C MLU C 1 -5.88 8.01 2.73
O MLU C 1 -6.64 7.61 3.58
CB MLU C 1 -5.85 5.93 1.30
CG MLU C 1 -4.53 5.37 1.88
CD1 MLU C 1 -3.34 5.78 1.02
CD2 MLU C 1 -4.60 3.90 2.07
N OMZ C 2 -4.96 8.96 2.91
CA OMZ C 2 -4.84 9.56 4.20
C OMZ C 2 -3.47 9.40 4.86
O OMZ C 2 -3.36 9.71 6.05
CB OMZ C 2 -5.33 11.07 4.25
OC OMZ C 2 -6.56 11.11 3.59
CG OMZ C 2 -4.36 12.01 3.61
CD1 OMZ C 2 -3.51 12.74 4.45
CD2 OMZ C 2 -4.21 12.17 2.23
CE1 OMZ C 2 -2.54 13.57 3.92
CL OMZ C 2 -1.52 14.49 4.94
CE2 OMZ C 2 -3.25 12.98 1.69
CZ OMZ C 2 -2.39 13.65 2.54
OH OMZ C 2 -1.32 14.36 1.98
N ASN C 3 -2.51 8.88 4.15
CA ASN C 3 -1.27 8.42 4.78
C ASN C 3 -0.10 9.39 4.56
N GHP C 4 0.22 9.70 3.31
CA GHP C 4 1.45 10.36 2.99
C GHP C 4 2.23 9.54 2.01
O GHP C 4 1.73 9.11 0.98
C1 GHP C 4 1.25 11.77 2.34
C2 GHP C 4 0.06 12.38 2.46
C3 GHP C 4 -0.12 13.68 1.91
C4 GHP C 4 0.93 14.30 1.25
O4 GHP C 4 0.73 15.54 0.70
C5 GHP C 4 2.10 13.63 1.13
C6 GHP C 4 2.30 12.38 1.73
N GHP C 5 3.53 9.38 2.33
CA GHP C 5 4.46 8.97 1.31
C GHP C 5 5.82 9.63 1.64
O GHP C 5 6.03 10.03 2.77
C1 GHP C 5 4.72 7.48 1.17
C2 GHP C 5 5.25 6.72 2.24
C3 GHP C 5 5.62 5.44 2.03
C4 GHP C 5 5.50 4.84 0.77
O4 GHP C 5 5.87 3.53 0.53
C5 GHP C 5 5.00 5.57 -0.29
C6 GHP C 5 4.59 6.87 -0.05
N OMY C 6 6.75 9.72 0.69
CA OMY C 6 6.60 9.42 -0.75
OCZ OMY C 6 3.14 14.29 0.45
CE2 OMY C 6 5.37 13.54 0.36
CE1 OMY C 6 3.80 12.59 -1.15
CZ OMY C 6 4.10 13.47 -0.10
CG OMY C 6 6.06 11.80 -1.12
CD2 OMY C 6 6.34 12.72 -0.13
CD1 OMY C 6 4.76 11.76 -1.65
CB OMY C 6 7.01 10.68 -1.50
CL OMY C 6 2.19 12.50 -1.77
O OMY C 6 8.28 7.73 -0.53
C OMY C 6 7.31 8.15 -1.12
ODE OMY C 6 8.35 10.91 -1.16
N 3FG C 7 6.69 7.44 -2.08
OD1 3FG C 7 2.83 3.87 -1.09
CD1 3FG C 7 3.79 4.18 -2.00
CG1 3FG C 7 4.90 5.00 -1.66
CZ 3FG C 7 3.60 3.71 -3.27
CD2 3FG C 7 4.52 3.96 -4.25
OD2 3FG C 7 4.41 3.50 -5.52
CG2 3FG C 7 5.66 4.71 -3.95
CB 3FG C 7 5.86 5.23 -2.68
CA 3FG C 7 7.08 6.08 -2.35
C 3FG C 7 8.17 6.00 -3.44
O 3FG C 7 8.78 4.92 -3.54
OXT 3FG C 7 8.38 6.97 -4.17
N LYS D 1 4.39 9.87 -5.57
N LYS D 1 4.62 9.66 -5.48
CA LYS D 1 3.57 8.65 -5.32
CA LYS D 1 3.65 8.55 -5.32
C LYS D 1 3.25 8.53 -3.85
N DAL D 2 2.02 8.24 -3.53
CA DAL D 2 1.44 8.17 -2.20
CB DAL D 2 1.32 6.73 -1.71
C DAL D 2 0.11 8.85 -2.20
O DAL D 2 -0.47 9.08 -3.29
N DAL D 3 -0.39 9.19 -1.03
CA DAL D 3 -1.69 9.80 -0.91
CB DAL D 3 -1.62 11.32 -1.07
C DAL D 3 -2.38 9.42 0.38
O DAL D 3 -1.71 8.99 1.35
OXT DAL D 3 -3.62 9.58 0.41
N MLU E 1 -4.65 7.11 11.83
N MLU E 1 -4.60 6.89 12.02
CN MLU E 1 -5.57 7.10 13.06
CN MLU E 1 -4.70 6.47 13.48
CA MLU E 1 -4.71 5.83 11.09
CA MLU E 1 -4.71 5.77 11.07
C MLU E 1 -6.18 5.65 10.61
O MLU E 1 -6.92 6.62 10.44
CB MLU E 1 -3.86 5.98 9.82
CG MLU E 1 -2.38 6.26 9.99
CD1 MLU E 1 -1.73 5.19 10.83
CD2 MLU E 1 -1.76 6.38 8.65
N OMZ E 2 -6.53 4.37 10.35
CA OMZ E 2 -7.82 4.15 9.73
C OMZ E 2 -7.74 3.87 8.21
O OMZ E 2 -8.78 3.82 7.59
CB OMZ E 2 -8.70 3.01 10.40
OC OMZ E 2 -8.77 3.30 11.77
CG OMZ E 2 -8.11 1.65 10.14
CD1 OMZ E 2 -8.57 0.91 9.08
CD2 OMZ E 2 -7.06 1.17 10.91
CE1 OMZ E 2 -8.01 -0.26 8.74
CL OMZ E 2 -8.56 -1.18 7.39
CE2 OMZ E 2 -6.45 -0.01 10.54
CZ OMZ E 2 -6.90 -0.71 9.43
OH OMZ E 2 -6.22 -1.85 9.08
N ASN E 3 -6.54 3.70 7.66
CA ASN E 3 -6.42 3.74 6.22
C ASN E 3 -5.83 2.46 5.58
N GHP E 4 -4.70 1.99 6.12
CA GHP E 4 -4.02 0.83 5.55
C GHP E 4 -2.55 1.18 5.32
O GHP E 4 -1.87 1.75 6.17
C1 GHP E 4 -4.11 -0.43 6.41
C2 GHP E 4 -5.10 -0.51 7.37
C3 GHP E 4 -5.22 -1.69 8.13
C4 GHP E 4 -4.37 -2.72 7.97
O4 GHP E 4 -4.49 -3.84 8.77
C5 GHP E 4 -3.36 -2.63 7.01
C6 GHP E 4 -3.28 -1.49 6.22
N GHP E 5 -2.05 0.76 4.17
CA GHP E 5 -0.65 0.62 3.96
C GHP E 5 -0.41 -0.52 2.98
O GHP E 5 -1.34 -0.85 2.24
C1 GHP E 5 0.09 1.84 3.42
C2 GHP E 5 -0.25 2.39 2.17
C3 GHP E 5 0.51 3.39 1.62
C4 GHP E 5 1.64 3.84 2.27
O4 GHP E 5 2.40 4.79 1.61
C5 GHP E 5 2.02 3.32 3.49
C6 GHP E 5 1.19 2.34 4.05
N OMY E 6 0.79 -1.07 2.88
CA OMY E 6 1.94 -0.91 3.78
OCZ OMY E 6 -2.50 -3.71 6.89
CE2 OMY E 6 -0.97 -3.97 5.10
CE1 OMY E 6 -0.33 -2.63 6.94
CZ OMY E 6 -1.28 -3.41 6.30
CG OMY E 6 1.15 -2.87 5.05
CD2 OMY E 6 0.21 -3.70 4.47
CD1 OMY E 6 0.86 -2.35 6.32
CB OMY E 6 2.33 -2.32 4.31
CL OMY E 6 -0.64 -1.90 8.47
O OMY E 6 3.22 -0.17 1.89
C OMY E 6 3.03 -0.12 3.09
ODE OMY E 6 2.67 -3.04 3.15
N 3FG E 7 3.71 0.71 3.90
OD1 3FG E 7 2.02 5.59 4.98
CD1 3FG E 7 3.20 4.92 4.97
CG1 3FG E 7 3.25 3.74 4.20
CZ 3FG E 7 4.28 5.38 5.70
CD2 3FG E 7 5.45 4.64 5.67
OD2 3FG E 7 6.50 5.12 6.38
CG2 3FG E 7 5.54 3.46 4.93
CB 3FG E 7 4.44 3.03 4.20
CA 3FG E 7 4.56 1.77 3.33
C 3FG E 7 6.01 1.34 3.18
O 3FG E 7 6.44 0.42 3.92
OXT 3FG E 7 6.72 2.01 2.39
N LYS F 1 4.47 -1.06 8.24
N LYS F 1 5.15 1.87 8.24
CA LYS F 1 4.20 0.35 8.56
CA LYS F 1 4.34 0.66 8.30
C LYS F 1 2.91 0.79 7.88
C LYS F 1 2.93 1.00 7.80
N DAL F 2 2.00 1.34 8.62
N DAL F 2 2.09 1.54 8.68
CA DAL F 2 0.73 1.90 8.16
CA DAL F 2 0.75 1.89 8.19
CB DAL F 2 0.85 3.38 7.80
C DAL F 2 -0.21 1.74 9.35
O DAL F 2 0.19 1.57 10.51
N DAL F 3 -1.49 1.72 9.09
CA DAL F 3 -2.46 1.57 10.15
CB DAL F 3 -2.79 0.10 10.42
C DAL F 3 -3.72 2.41 9.87
O DAL F 3 -3.96 2.82 8.71
OXT DAL F 3 -4.46 2.61 10.86
N MLU G 1 -1.64 -9.24 -5.80
CN MLU G 1 -1.42 -10.70 -5.74
CA MLU G 1 -1.72 -8.55 -4.51
C MLU G 1 -0.35 -8.70 -3.79
O MLU G 1 0.66 -8.76 -4.41
CB MLU G 1 -1.93 -7.06 -4.70
CG MLU G 1 -3.18 -6.64 -5.48
CD1 MLU G 1 -3.21 -5.14 -5.58
CD2 MLU G 1 -4.42 -7.19 -4.87
N OMZ G 2 -0.45 -8.68 -2.44
CA OMZ G 2 0.77 -8.63 -1.68
C OMZ G 2 1.10 -7.25 -1.11
O OMZ G 2 2.21 -7.07 -0.58
CB OMZ G 2 0.85 -9.72 -0.54
OC OMZ G 2 0.62 -10.95 -1.18
CG OMZ G 2 -0.10 -9.43 0.60
CD1 OMZ G 2 0.37 -8.65 1.65
CD2 OMZ G 2 -1.42 -9.78 0.57
CE1 OMZ G 2 -0.49 -8.17 2.57
CL OMZ G 2 0.09 -7.18 3.87
CE2 OMZ G 2 -2.32 -9.35 1.53
CZ OMZ G 2 -1.85 -8.48 2.50
OH OMZ G 2 -2.75 -7.95 3.41
N ASN G 3 0.17 -6.31 -1.20
CA ASN G 3 0.53 -4.91 -0.95
C ASN G 3 -0.27 -4.25 0.14
N GHP G 4 -1.58 -4.30 0.09
CA GHP G 4 -2.42 -3.60 1.04
C GHP G 4 -3.47 -2.80 0.31
O GHP G 4 -4.09 -3.24 -0.62
C1 GHP G 4 -3.07 -4.53 2.05
C2 GHP G 4 -2.60 -5.81 2.23
C3 GHP G 4 -3.18 -6.65 3.20
C4 GHP G 4 -4.22 -6.23 3.94
O4 GHP G 4 -4.84 -7.08 4.85
C5 GHP G 4 -4.75 -4.98 3.72
C6 GHP G 4 -4.14 -4.10 2.81
N GHP G 5 -3.70 -1.57 0.82
CA GHP G 5 -4.88 -0.85 0.51
C GHP G 5 -5.18 0.07 1.70
O GHP G 5 -4.27 0.36 2.45
C1 GHP G 5 -4.84 0.09 -0.72
C2 GHP G 5 -3.90 1.12 -0.83
C3 GHP G 5 -3.99 2.02 -1.85
C4 GHP G 5 -5.04 1.93 -2.78
O4 GHP G 5 -5.10 2.90 -3.74
C5 GHP G 5 -5.97 0.93 -2.69
C6 GHP G 5 -5.83 -0.02 -1.66
N OMY G 6 -6.40 0.60 1.86
CA OMY G 6 -7.62 0.21 1.16
OCZ OMY G 6 -5.85 -4.61 4.48
CE2 OMY G 6 -6.63 -2.38 4.60
CE1 OMY G 6 -7.38 -3.78 2.79
CZ OMY G 6 -6.62 -3.58 3.96
CG OMY G 6 -8.08 -1.47 2.88
CD2 OMY G 6 -7.36 -1.33 4.06
CD1 OMY G 6 -8.10 -2.70 2.28
CB OMY G 6 -8.69 -0.30 2.15
CB OMY G 6 -8.68 -0.25 2.20
CL OMY G 6 -7.40 -5.29 2.01
O OMY G 6 -7.88 2.50 0.57
C OMY G 6 -8.07 1.34 0.25
ODE OMY G 6 -9.03 0.76 2.97
ODE OMY G 6 -8.86 0.85 3.03
N 3FG G 7 -8.60 0.97 -0.92
OD1 3FG G 7 -5.65 -0.23 -5.12
CD1 3FG G 7 -6.91 0.17 -4.87
CG1 3FG G 7 -7.13 0.80 -3.63
CZ 3FG G 7 -7.92 0.00 -5.78
CD2 3FG G 7 -9.19 0.42 -5.47
OD2 3FG G 7 -10.18 0.23 -6.36
CG2 3FG G 7 -9.45 1.02 -4.25
CB 3FG G 7 -8.42 1.21 -3.34
CA 3FG G 7 -8.70 1.92 -2.02
C 3FG G 7 -10.04 2.62 -2.05
O 3FG G 7 -11.00 2.24 -1.38
OXT 3FG G 7 -10.10 3.66 -2.77
N LYS H 1 -11.34 -2.82 -0.89
CA LYS H 1 -10.60 -3.08 -2.12
C LYS H 1 -9.10 -2.97 -1.74
N DAL H 2 -8.37 -3.95 -2.23
CA DAL H 2 -6.93 -4.02 -2.15
CB DAL H 2 -6.21 -3.47 -3.39
C DAL H 2 -6.58 -5.45 -1.90
O DAL H 2 -7.39 -6.35 -2.18
N DAL H 3 -5.38 -5.72 -1.46
CA DAL H 3 -4.97 -7.10 -1.22
CB DAL H 3 -5.30 -7.55 0.21
C DAL H 3 -3.48 -7.27 -1.49
O DAL H 3 -3.07 -8.42 -1.64
OXT DAL H 3 -2.73 -6.24 -1.56
N MLU I 1 -13.55 3.72 -19.60
N MLU I 1 -13.82 4.55 -19.68
CN MLU I 1 -14.96 4.22 -19.57
CN MLU I 1 -12.83 5.11 -20.68
CA MLU I 1 -12.74 3.92 -18.36
CA MLU I 1 -13.02 4.08 -18.47
C MLU I 1 -12.65 5.44 -18.07
C MLU I 1 -12.89 5.43 -17.73
O MLU I 1 -13.50 6.26 -18.31
O MLU I 1 -13.86 6.12 -17.51
CB MLU I 1 -13.55 3.25 -17.23
CB MLU I 1 -13.95 3.09 -17.80
CG MLU I 1 -13.94 1.80 -17.59
CG MLU I 1 -14.07 1.66 -18.31
CD1 MLU I 1 -14.43 1.09 -16.33
CD1 MLU I 1 -13.76 0.62 -17.26
CD2 MLU I 1 -12.70 1.04 -18.00
CD2 MLU I 1 -13.27 1.31 -19.52
N OMZ I 2 -11.46 5.72 -17.45
N OMZ I 2 -11.60 5.74 -17.41
CA OMZ I 2 -11.29 6.96 -16.81
CA OMZ I 2 -11.29 6.98 -16.81
C OMZ I 2 -10.87 6.90 -15.31
O OMZ I 2 -10.75 7.95 -14.66
CB OMZ I 2 -10.34 7.98 -17.56
OC OMZ I 2 -10.83 8.05 -18.87
CG OMZ I 2 -8.92 7.50 -17.51
CD1 OMZ I 2 -8.10 8.03 -16.55
CD2 OMZ I 2 -8.47 6.49 -18.32
CE1 OMZ I 2 -6.82 7.53 -16.41
CL OMZ I 2 -5.75 8.14 -15.21
CE2 OMZ I 2 -7.21 5.97 -18.19
CZ OMZ I 2 -6.38 6.45 -17.20
OH OMZ I 2 -5.13 5.86 -16.99
N ASN I 3 -10.68 5.70 -14.79
CA ASN I 3 -10.45 5.53 -13.36
C ASN I 3 -9.05 5.11 -13.00
N GHP I 4 -8.50 4.11 -13.64
CA GHP I 4 -7.25 3.50 -13.21
C GHP I 4 -7.48 2.03 -12.97
O GHP I 4 -8.02 1.33 -13.84
C1 GHP I 4 -6.10 3.69 -14.20
C2 GHP I 4 -6.20 4.67 -15.14
C3 GHP I 4 -5.11 4.88 -16.03
C4 GHP I 4 -3.99 4.09 -15.97
O4 GHP I 4 -2.90 4.32 -16.77
C5 GHP I 4 -3.94 3.08 -15.02
C6 GHP I 4 -5.01 2.91 -14.10
N GHP I 5 -7.01 1.53 -11.82
CA GHP I 5 -6.84 0.12 -11.69
C GHP I 5 -5.63 -0.14 -10.78
O GHP I 5 -5.31 0.74 -10.00
C1 GHP I 5 -7.98 -0.68 -11.08
C2 GHP I 5 -8.45 -0.47 -9.78
C3 GHP I 5 -9.36 -1.29 -9.23
C4 GHP I 5 -9.83 -2.40 -9.92
O4 GHP I 5 -10.69 -3.29 -9.32
C5 GHP I 5 -9.39 -2.64 -11.22
C6 GHP I 5 -8.51 -1.75 -11.80
N OMY I 6 -4.96 -1.30 -10.84
CA OMY I 6 -5.16 -2.38 -11.83
OCZ OMY I 6 -2.82 2.29 -14.98
CE2 OMY I 6 -2.31 0.71 -13.27
CE1 OMY I 6 -3.81 0.08 -15.06
CZ OMY I 6 -3.00 1.01 -14.44
CG OMY I 6 -3.38 -1.48 -13.25
CD2 OMY I 6 -2.53 -0.52 -12.67
CD1 OMY I 6 -4.02 -1.15 -14.45
CB OMY I 6 -3.87 -2.70 -12.51
CL OMY I 6 -4.65 0.42 -16.50
O OMY I 6 -5.74 -3.81 -10.01
C OMY I 6 -5.91 -3.54 -11.18
ODE OMY I 6 -2.97 -3.09 -11.47
N 3FG I 7 -6.76 -4.16 -11.98
OD1 3FG I 7 -11.82 -2.62 -12.48
CD1 3FG I 7 -11.06 -3.73 -12.71
CG1 3FG I 7 -9.84 -3.83 -12.03
CZ 3FG I 7 -11.47 -4.74 -13.57
CD2 3FG I 7 -10.68 -5.80 -13.80
OD2 3FG I 7 -11.09 -6.75 -14.70
CG2 3FG I 7 -9.45 -5.95 -13.13
CB 3FG I 7 -9.04 -4.96 -12.24
CA 3FG I 7 -7.75 -5.08 -11.48
C 3FG I 7 -7.28 -6.55 -11.47
O 3FG I 7 -6.35 -6.87 -12.24
OXT 3FG I 7 -7.87 -7.32 -10.72
N MLU J 1 14.85 17.04 6.88
N MLU J 1 15.53 15.47 7.24
CN MLU J 1 13.96 17.79 7.86
CN MLU J 1 15.96 16.71 6.49
CA MLU J 1 14.38 15.71 6.49
CA MLU J 1 14.26 14.86 6.72
C MLU J 1 14.67 15.28 5.02
C MLU J 1 14.54 14.67 5.19
O MLU J 1 15.77 15.12 4.50
O MLU J 1 15.64 14.34 4.83
CB MLU J 1 14.65 14.68 7.53
CB MLU J 1 14.08 13.55 7.46
CG MLU J 1 14.17 14.72 9.00
CG MLU J 1 13.82 13.59 8.94
CD1 MLU J 1 14.35 13.37 9.69
CD1 MLU J 1 12.66 14.41 9.38
CD2 MLU J 1 12.66 14.88 9.05
CD2 MLU J 1 14.96 13.72 9.91
N OMZ J 2 13.54 15.04 4.25
N OMZ J 2 13.50 14.91 4.31
CA OMZ J 2 13.62 14.53 2.92
CA OMZ J 2 13.61 14.53 2.93
C OMZ J 2 12.72 13.31 2.57
O OMZ J 2 12.75 12.80 1.44
CB OMZ J 2 13.37 15.68 1.84
OC OMZ J 2 14.33 16.71 2.17
CG OMZ J 2 12.00 16.20 1.83
CD1 OMZ J 2 11.17 15.70 0.83
CD2 OMZ J 2 11.46 17.04 2.75
CE1 OMZ J 2 9.83 16.04 0.80
CL OMZ J 2 8.77 15.38 -0.36
CE2 OMZ J 2 10.12 17.40 2.76
CZ OMZ J 2 9.31 16.85 1.81
OH OMZ J 2 7.92 17.10 1.90
N ASN J 3 11.91 12.90 3.52
CA ASN J 3 11.18 11.62 3.33
C ASN J 3 9.69 11.82 3.10
N GHP J 4 8.99 12.56 3.95
CA GHP J 4 7.55 12.60 3.96
C GHP J 4 7.06 12.20 5.36
O GHP J 4 7.50 12.77 6.36
C1 GHP J 4 6.98 13.97 3.61
C2 GHP J 4 7.79 14.89 2.97
C3 GHP J 4 7.19 16.14 2.60
C4 GHP J 4 5.92 16.47 2.90
O4 GHP J 4 5.37 17.65 2.51
C5 GHP J 4 5.18 15.51 3.60
C6 GHP J 4 5.67 14.27 3.93
N GHP J 5 6.10 11.30 5.40
CA GHP J 5 5.34 11.14 6.60
C GHP J 5 3.90 10.73 6.20
O GHP J 5 3.75 10.20 5.10
C1 GHP J 5 5.80 10.12 7.60
C2 GHP J 5 5.89 8.74 7.30
C3 GHP J 5 6.16 7.86 8.28
C4 GHP J 5 6.31 8.25 9.59
O4 GHP J 5 6.51 7.27 10.54
C5 GHP J 5 6.24 9.58 9.94
C6 GHP J 5 6.00 10.48 8.88
N OMY J 6 2.92 11.00 7.02
CA OMY J 6 2.94 11.75 8.29
OCZ OMY J 6 3.88 15.88 3.92
CE2 OMY J 6 2.27 14.37 4.79
CE1 OMY J 6 3.82 15.44 6.30
CZ OMY J 6 3.30 15.22 5.03
CG OMY J 6 2.26 13.80 7.15
CD2 OMY J 6 1.73 13.66 5.87
CD1 OMY J 6 3.31 14.70 7.36
CB OMY J 6 1.91 12.85 8.27
CL OMY J 6 5.18 16.42 6.59
O OMY J 6 2.32 9.75 9.41
C OMY J 6 2.89 10.81 9.48
ODE OMY J 6 0.67 12.21 8.10
N 3FG J 7 3.58 11.22 10.53
OD1 3FG J 7 8.70 9.81 11.07
CD1 3FG J 7 7.65 10.25 11.84
CG1 3FG J 7 6.39 10.08 11.33
CZ 3FG J 7 7.91 10.82 13.09
CD2 3FG J 7 6.84 11.29 13.80
OD2 3FG J 7 7.07 11.90 15.00
CG2 3FG J 7 5.53 11.16 13.35
CB 3FG J 7 5.31 10.52 12.11
CA 3FG J 7 3.88 10.30 11.62
C 3FG J 7 2.88 10.35 12.77
O 3FG J 7 2.18 11.39 12.91
OXT 3FG J 7 2.90 9.32 13.51
N MLU K 1 17.54 -14.01 6.82
CN MLU K 1 17.64 -13.28 5.47
CA MLU K 1 16.23 -14.77 6.86
C MLU K 1 16.31 -15.72 5.67
O MLU K 1 17.30 -16.37 5.45
CB MLU K 1 15.88 -15.45 8.15
CG MLU K 1 14.90 -14.72 9.11
CD1 MLU K 1 15.42 -13.42 9.64
CD2 MLU K 1 14.41 -15.68 10.11
N OMZ K 2 15.20 -15.70 4.90
CA OMZ K 2 15.17 -16.49 3.69
C OMZ K 2 13.99 -17.44 3.58
O OMZ K 2 13.97 -18.21 2.62
CB OMZ K 2 15.36 -15.64 2.37
OC OMZ K 2 16.49 -14.81 2.54
CG OMZ K 2 14.13 -14.81 2.14
CD1 OMZ K 2 13.15 -15.33 1.29
CD2 OMZ K 2 13.90 -13.62 2.79
CE1 OMZ K 2 12.01 -14.63 1.08
CL OMZ K 2 10.87 -15.19 -0.03
CE2 OMZ K 2 12.74 -12.93 2.63
CZ OMZ K 2 11.77 -13.46 1.79
OH OMZ K 2 10.56 -12.81 1.68
N ASN K 3 13.04 -17.37 4.47
CA ASN K 3 11.97 -18.38 4.51
C ASN K 3 10.60 -17.84 4.16
N GHP K 4 10.13 -16.81 4.81
CA GHP K 4 8.77 -16.35 4.67
C GHP K 4 8.12 -16.24 6.04
O GHP K 4 8.65 -15.69 6.97
C1 GHP K 4 8.65 -14.95 3.97
C2 GHP K 4 9.69 -14.51 3.24
C3 GHP K 4 9.54 -13.31 2.52
C4 GHP K 4 8.41 -12.54 2.61
O4 GHP K 4 8.26 -11.40 1.87
O4 GHP K 4 8.23 -11.38 1.90
C5 GHP K 4 7.37 -13.00 3.40
C6 GHP K 4 7.48 -14.23 4.06
N GHP K 5 6.88 -16.74 6.12
CA GHP K 5 6.05 -16.41 7.19
C GHP K 5 4.59 -16.43 6.72
O GHP K 5 4.30 -17.17 5.77
C1 GHP K 5 6.07 -17.29 8.45
C2 GHP K 5 5.75 -18.63 8.42
C3 GHP K 5 5.67 -19.33 9.58
C4 GHP K 5 5.85 -18.72 10.82
O4 GHP K 5 5.68 -19.38 11.99
C5 GHP K 5 6.19 -17.38 10.87
C6 GHP K 5 6.33 -16.69 9.68
N OMY K 6 3.66 -15.73 7.38
CA OMY K 6 3.86 -14.76 8.44
OCZ OMY K 6 6.25 -12.23 3.49
CE2 OMY K 6 4.23 -13.02 4.44
CE1 OMY K 6 5.87 -12.00 5.83
CZ OMY K 6 5.45 -12.43 4.59
CG OMY K 6 3.90 -12.94 6.82
CD2 OMY K 6 3.46 -13.28 5.52
CD1 OMY K 6 5.09 -12.27 6.94
CB OMY K 6 3.19 -13.40 8.07
CB OMY K 6 3.19 -13.41 8.06
CL OMY K 6 7.37 -11.24 6.05
O OMY K 6 2.53 -16.15 9.88
C OMY K 6 3.43 -15.35 9.77
ODE OMY K 6 1.82 -13.69 7.89
ODE OMY K 6 1.85 -13.78 7.84
N 3FG K 7 4.18 -14.93 10.83
OD1 3FG K 7 8.56 -17.65 12.17
CD1 3FG K 7 7.71 -16.76 12.75
CG1 3FG K 7 6.44 -16.63 12.14
CZ 3FG K 7 8.03 -16.01 13.87
CD2 3FG K 7 7.15 -15.10 14.34
OD2 3FG K 7 7.56 -14.29 15.39
CG2 3FG K 7 5.87 -14.91 13.77
CB 3FG K 7 5.52 -15.70 12.68
CA 3FG K 7 4.14 -15.62 12.09
C 3FG K 7 3.10 -15.03 13.07
O 3FG K 7 2.66 -13.87 12.86
OXT 3FG K 7 2.83 -15.77 14.01
N MLU L 1 -6.30 -16.52 -0.03
N MLU L 1 -6.62 -17.22 0.28
CN MLU L 1 -5.83 -15.10 -0.27
CN MLU L 1 -6.99 -15.76 0.10
CA MLU L 1 -5.34 -17.25 0.91
CA MLU L 1 -5.19 -17.33 0.78
C MLU L 1 -5.35 -16.42 2.19
C MLU L 1 -5.11 -16.75 2.20
O MLU L 1 -6.33 -16.20 2.85
O MLU L 1 -5.99 -16.94 2.99
CB MLU L 1 -5.91 -18.69 1.16
CB MLU L 1 -4.63 -18.68 0.57
CG MLU L 1 -4.75 -19.72 1.06
CG MLU L 1 -5.22 -20.03 1.10
CD1 MLU L 1 -4.12 -19.82 -0.34
CD1 MLU L 1 -6.64 -20.28 1.41
CD2 MLU L 1 -5.10 -21.20 1.19
CD2 MLU L 1 -4.32 -20.67 2.10
N OMZ L 2 -4.08 -16.00 2.49
N OMZ L 2 -3.96 -16.05 2.44
CA OMZ L 2 -3.96 -15.21 3.70
CA OMZ L 2 -3.93 -15.24 3.63
C OMZ L 2 -2.77 -15.58 4.61
O OMZ L 2 -2.67 -14.98 5.67
CB OMZ L 2 -3.94 -13.68 3.37
OC OMZ L 2 -5.04 -13.40 2.52
CG OMZ L 2 -2.65 -13.23 2.71
CD1 OMZ L 2 -1.69 -12.64 3.50
CD2 OMZ L 2 -2.38 -13.51 1.40
CE1 OMZ L 2 -0.46 -12.34 2.98
CL OMZ L 2 0.76 -11.56 3.93
CE2 OMZ L 2 -1.15 -13.23 0.86
CZ OMZ L 2 -0.16 -12.71 1.69
OH OMZ L 2 1.12 -12.52 1.17
N ASN L 3 -1.98 -16.53 4.25
CA ASN L 3 -0.97 -17.08 5.15
C ASN L 3 0.45 -16.66 4.86
N GHP L 4 0.94 -16.97 3.65
CA GHP L 4 2.35 -16.81 3.33
C GHP L 4 2.89 -18.08 2.73
O GHP L 4 2.31 -18.65 1.82
C1 GHP L 4 2.65 -15.63 2.39
C2 GHP L 4 1.70 -14.65 2.21
C3 GHP L 4 2.00 -13.55 1.38
C4 GHP L 4 3.20 -13.48 0.72
O4 GHP L 4 3.41 -12.43 -0.16
C5 GHP L 4 4.15 -14.49 0.89
C6 GHP L 4 3.87 -15.56 1.75
N GHP L 5 4.07 -18.50 3.20
CA GHP L 5 4.88 -19.38 2.45
C GHP L 5 6.34 -19.15 2.82
O GHP L 5 6.60 -18.58 3.88
C1 GHP L 5 4.63 -20.88 2.66
C2 GHP L 5 4.78 -21.49 3.90
C3 GHP L 5 4.70 -22.85 3.99
C4 GHP L 5 4.57 -23.65 2.88
O4 GHP L 5 4.54 -25.02 2.98
C5 GHP L 5 4.41 -23.08 1.62
C6 GHP L 5 4.42 -21.68 1.55
N OMY L 6 7.31 -19.58 2.01
CA OMY L 6 7.15 -20.12 0.67
OCZ OMY L 6 5.29 -14.37 0.19
CE2 OMY L 6 7.16 -15.74 0.72
CE1 OMY L 6 5.59 -16.47 -0.92
CZ OMY L 6 6.04 -15.54 0.01
CG OMY L 6 7.45 -17.91 -0.32
CD2 OMY L 6 7.86 -16.91 0.58
CD1 OMY L 6 6.33 -17.67 -1.08
CB OMY L 6 8.00 -19.29 -0.32
CB OMY L 6 8.03 -19.29 -0.31
CL OMY L 6 4.19 -16.20 -1.84
O OMY L 6 8.15 -22.16 1.50
C OMY L 6 7.45 -21.61 0.67
ODE OMY L 6 9.33 -19.40 0.11
ODE OMY L 6 9.32 -19.39 0.22
N 3FG L 7 6.77 -22.30 -0.27
OD1 3FG L 7 1.91 -23.94 0.97
CD1 3FG L 7 2.89 -24.24 0.04
CG1 3FG L 7 4.18 -23.87 0.38
CZ 3FG L 7 2.60 -24.90 -1.13
CD2 3FG L 7 3.60 -25.11 -2.03
OD2 3FG L 7 3.26 -25.69 -3.24
CG2 3FG L 7 4.90 -24.73 -1.77
CB 3FG L 7 5.21 -24.13 -0.54
CA 3FG L 7 6.63 -23.73 -0.22
C 3FG L 7 7.68 -24.48 -1.07
O 3FG L 7 8.31 -23.85 -1.93
OXT 3FG L 7 7.82 -25.69 -0.76
C2 BGC M . 1.28 4.54 -15.16
C3 BGC M . 1.06 4.10 -16.58
C4 BGC M . 1.31 2.62 -16.73
C5 BGC M . 0.47 1.86 -15.74
C6 BGC M . 0.73 0.31 -15.79
C1 BGC M . 0.47 3.65 -14.23
O2 BGC M . 0.88 5.89 -15.03
O3 BGC M . 1.90 4.82 -17.49
O4 BGC M . 0.95 2.15 -18.02
O5 BGC M . 0.80 2.32 -14.40
O6 BGC M . 2.06 0.04 -15.61
C1 DVC N . -6.79 9.37 -11.77
C2 DVC N . -8.01 9.25 -12.60
C3 DVC N . -9.27 9.82 -11.95
N3 DVC N . -10.30 10.00 -13.02
C4 DVC N . -8.95 11.21 -11.41
O4 DVC N . -8.69 12.05 -12.53
C5 DVC N . -7.70 11.15 -10.47
O5 DVC N . -6.63 10.66 -11.21
C6 DVC N . -7.27 12.54 -9.95
C3M DVC N . -9.83 8.88 -10.92
O41 DVC N . -10.04 11.77 -10.70
C2 BGC O . 1.35 17.83 0.52
C3 BGC O . 1.85 19.00 1.31
C4 BGC O . 1.09 19.15 2.61
C5 BGC O . 1.21 17.85 3.36
C6 BGC O . 0.34 17.83 4.66
C1 BGC O . 1.37 16.60 1.40
O2 BGC O . 2.21 17.65 -0.60
O3 BGC O . 1.73 20.21 0.53
O4 BGC O . 1.72 20.18 3.41
O5 BGC O . 0.61 16.80 2.54
O6 BGC O . -0.96 18.21 4.48
C1 DVC P . 9.03 11.94 -1.90
C2 DVC P . 10.32 12.22 -1.22
C3 DVC P . 11.38 11.17 -1.40
N3 DVC P . 12.69 11.77 -1.01
C4 DVC P . 11.50 10.88 -2.87
O4 DVC P . 12.03 12.05 -3.55
C5 DVC P . 10.13 10.51 -3.48
O5 DVC P . 9.22 11.55 -3.25
C6 DVC P . 10.20 10.29 -4.97
C3M DVC P . 11.14 9.94 -0.59
O41 DVC P . 12.44 9.85 -3.19
C2 BGC Q . -4.69 -4.51 11.04
C3 BGC Q . -4.00 -4.49 12.34
C4 BGC Q . -2.59 -4.93 12.27
C5 BGC Q . -1.85 -4.24 11.16
C6 BGC Q . -0.47 -4.99 10.81
C1 BGC Q . -3.87 -3.74 10.05
O2 BGC Q . -5.98 -3.90 11.20
O3 BGC Q . -4.70 -5.19 13.37
O4 BGC Q . -1.87 -4.71 13.47
O5 BGC Q . -2.63 -4.31 9.92
O6 BGC Q . -0.61 -6.43 10.73
C1 DVC R . 3.43 -4.19 3.37
C2 DVC R . 3.46 -4.98 2.10
C3 DVC R . 4.24 -4.38 0.93
N3 DVC R . 4.49 -5.46 -0.05
C4 DVC R . 5.59 -3.94 1.41
O4 DVC R . 6.41 -5.12 1.72
C5 DVC R . 5.50 -3.06 2.70
O5 DVC R . 4.80 -3.81 3.71
C6 DVC R . 6.90 -2.79 3.29
C3M DVC R . 3.55 -3.19 0.30
O41 DVC R . 6.35 -3.21 0.40
C1 CIT S . -9.35 9.01 5.02
O1 CIT S . -8.48 9.90 5.01
O2 CIT S . -10.57 9.17 5.17
C2 CIT S . -9.13 7.50 4.83
C3 CIT S . -10.40 6.85 4.38
O7 CIT S . -11.56 6.68 5.07
C6 CIT S . -10.65 7.39 2.99
O5 CIT S . -11.78 7.95 2.70
O6 CIT S . -9.63 7.27 2.22
C2 BGC T . -5.44 -7.60 7.11
C3 BGC T . -4.91 -7.52 8.52
C4 BGC T . -3.46 -7.96 8.63
C5 BGC T . -2.60 -7.23 7.67
C6 BGC T . -1.16 -7.94 7.54
C1 BGC T . -4.46 -6.81 6.21
O2 BGC T . -6.74 -7.01 7.06
O3 BGC T . -5.73 -8.29 9.41
O4 BGC T . -2.91 -7.76 9.94
O5 BGC T . -3.19 -7.36 6.32
O6 BGC T . -1.18 -9.26 7.27
C1 DVC U . -10.04 0.51 3.92
C1 DVC U . -10.02 0.88 3.83
C2 DVC U . -10.01 1.55 4.97
C2 DVC U . -9.89 1.96 4.85
C3 DVC U . -10.65 2.83 4.46
C3 DVC U . -10.12 3.37 4.35
N3 DVC U . -10.82 3.79 5.56
N3 DVC U . -10.20 4.34 5.46
C4 DVC U . -12.02 2.41 3.88
C4 DVC U . -11.41 3.35 3.52
O4 DVC U . -12.91 1.74 4.90
O4 DVC U . -12.63 3.00 4.33
C5 DVC U . -11.91 1.31 2.73
C5 DVC U . -11.35 2.26 2.37
O5 DVC U . -11.29 0.20 3.31
O5 DVC U . -11.18 1.02 3.03
C6 DVC U . -13.30 0.65 2.44
C6 DVC U . -12.69 1.88 1.63
C3M DVC U . -9.77 3.42 3.45
C3M DVC U . -8.96 3.88 3.54
O41 DVC U . -12.57 3.62 3.30
O41 DVC U . -11.56 4.64 2.86
C2 BGC V . -2.02 4.69 -18.95
C3 BGC V . -2.12 4.23 -20.34
C4 BGC V . -1.87 2.71 -20.41
C5 BGC V . -2.64 1.96 -19.42
C6 BGC V . -2.16 0.44 -19.27
C1 BGC V . -2.98 3.90 -18.11
O2 BGC V . -2.26 6.07 -18.90
O3 BGC V . -1.11 4.85 -21.12
O4 BGC V . -2.05 2.23 -21.73
O5 BGC V . -2.52 2.54 -18.08
O6 BGC V . -0.87 0.36 -18.91
C1 DVC W . -1.77 -3.64 -11.92
C2 DVC W . -0.86 -3.84 -10.76
C3 DVC W . -1.24 -5.03 -9.85
N3 DVC W . -0.06 -5.28 -8.92
C4 DVC W . -1.46 -6.24 -10.74
O4 DVC W . -0.20 -6.60 -11.40
C5 DVC W . -2.50 -5.92 -11.86
O5 DVC W . -1.96 -4.83 -12.65
C6 DVC W . -2.71 -7.07 -12.85
C3M DVC W . -2.42 -4.71 -9.02
O41 DVC W . -1.93 -7.34 -10.01
C1 CIT X . -9.56 2.93 -17.01
O1 CIT X . -10.16 3.13 -15.88
O2 CIT X . -9.76 3.74 -17.98
C2 CIT X . -8.67 1.68 -17.08
C3 CIT X . -8.34 1.07 -18.45
O7 CIT X . -9.06 -0.22 -18.62
C4 CIT X . -6.87 0.94 -18.68
C5 CIT X . -6.46 0.23 -19.89
O3 CIT X . -7.10 0.11 -20.93
O4 CIT X . -5.35 -0.33 -19.87
C6 CIT X . -8.97 1.74 -19.66
O5 CIT X . -8.41 2.85 -19.95
O6 CIT X . -9.97 1.11 -20.06
C1 MRD Y . -3.73 11.38 -11.65
C2 MRD Y . -3.15 11.10 -13.03
O2 MRD Y . -4.19 10.49 -13.80
CM MRD Y . -2.80 12.36 -13.70
C3 MRD Y . -2.06 10.08 -12.80
C4 MRD Y . -1.23 9.83 -14.11
O4 MRD Y . -2.13 9.30 -15.09
C5 MRD Y . -0.24 8.72 -13.77
C2 BGC Z . 5.54 20.02 2.37
C3 BGC Z . 5.87 21.22 3.12
C4 BGC Z . 5.09 21.28 4.42
C5 BGC Z . 5.13 20.04 5.15
C6 BGC Z . 4.08 20.01 6.39
C1 BGC Z . 5.74 18.81 3.23
O2 BGC Z . 6.32 19.95 1.19
O3 BGC Z . 5.56 22.39 2.38
O4 BGC Z . 5.50 22.40 5.24
O5 BGC Z . 4.74 18.90 4.29
O6 BGC Z . 2.80 20.28 5.95
C1 DVC AA . -0.45 13.06 8.26
C2 DVC AA . -1.68 12.29 7.88
C3 DVC AA . -2.11 11.23 8.91
N3 DVC AA . -3.51 10.85 8.60
C4 DVC AA . -2.14 11.86 10.30
O4 DVC AA . -3.19 12.88 10.28
C5 DVC AA . -0.73 12.55 10.60
O5 DVC AA . -0.52 13.55 9.60
C6 DVC AA . -0.79 13.34 11.92
C3M DVC AA . -1.28 10.02 8.85
O41 DVC AA . -2.41 10.91 11.29
C1 CIT BA . 10.55 15.20 6.12
O1 CIT BA . 10.71 13.96 5.95
O2 CIT BA . 11.41 16.07 5.72
C2 CIT BA . 9.34 15.70 6.80
C3 CIT BA . 9.30 17.19 7.12
O7 CIT BA . 9.93 18.08 6.28
C1 MPD CA . 5.48 17.15 -4.75
C2 MPD CA . 5.20 16.24 -3.59
O2 MPD CA . 5.93 16.70 -2.45
CM MPD CA . 3.82 16.40 -3.13
C3 MPD CA . 5.57 14.85 -3.96
C4 MPD CA . 7.04 14.58 -4.41
O4 MPD CA . 7.95 14.91 -3.35
C5 MPD CA . 7.14 13.14 -4.82
C2 BGC DA . 9.19 -9.33 1.15
C2 BGC DA . 9.13 -9.42 0.86
C3 BGC DA . 10.02 -8.22 1.59
C3 BGC DA . 9.72 -8.13 1.07
C4 BGC DA . 9.57 -7.64 2.92
C4 BGC DA . 8.98 -7.31 2.11
C5 BGC DA . 9.49 -8.69 3.93
C5 BGC DA . 8.85 -8.13 3.34
C6 BGC DA . 8.75 -8.18 5.23
C6 BGC DA . 7.94 -7.40 4.43
C1 BGC DA . 9.15 -10.35 2.30
C1 BGC DA . 8.95 -10.19 2.16
O2 BGC DA . 9.80 -10.03 0.00
O2 BGC DA . 9.87 -10.19 -0.11
O3 BGC DA . 10.05 -7.15 0.64
O3 BGC DA . 9.86 -7.35 -0.17
O4 BGC DA . 10.34 -6.55 3.35
O4 BGC DA . 9.82 -6.19 2.44
O5 BGC DA . 8.56 -9.79 3.40
O5 BGC DA . 8.14 -9.40 2.97
O6 BGC DA . 7.52 -7.75 5.05
O6 BGC DA . 6.75 -6.96 4.04
C1 DVC EA . 1.01 -12.57 7.57
C1 DVC EA . 0.95 -12.71 8.01
C2 DVC EA . -0.37 -13.04 7.24
C2 DVC EA . -0.39 -13.21 7.65
C3 DVC EA . -1.16 -13.55 8.45
C3 DVC EA . -1.08 -14.03 8.75
N3 DVC EA . -2.57 -13.65 8.08
N3 DVC EA . -2.51 -14.03 8.45
C4 DVC EA . -1.05 -12.52 9.53
C4 DVC EA . -0.94 -13.26 10.05
O4 DVC EA . -1.83 -11.34 9.10
O4 DVC EA . -1.68 -11.98 9.75
C5 DVC EA . 0.42 -12.14 9.85
C5 DVC EA . 0.58 -12.93 10.38
O5 DVC EA . 1.00 -11.64 8.66
O5 DVC EA . 1.00 -12.13 9.32
C6 DVC EA . 0.61 -11.04 10.89
C6 DVC EA . 0.72 -11.93 11.57
C3M DVC EA . -0.70 -14.91 8.89
C3M DVC EA . -0.49 -15.40 8.80
O41 DVC EA . -1.69 -12.97 10.78
O41 DVC EA . -1.42 -13.97 11.21
C1 CIT FA . 12.37 -14.47 6.54
O1 CIT FA . 12.18 -15.69 6.57
O2 CIT FA . 13.34 -13.89 5.95
C2 CIT FA . 11.40 -13.67 7.35
C3 CIT FA . 11.55 -12.12 7.27
O7 CIT FA . 12.83 -11.68 7.49
C4 CIT FA . 11.14 -11.77 5.82
C5 CIT FA . 11.41 -10.34 5.61
O3 CIT FA . 11.71 -10.09 4.44
O4 CIT FA . 11.33 -9.50 6.47
C6 CIT FA . 10.70 -11.53 8.35
O5 CIT FA . 11.23 -11.26 9.46
O6 CIT FA . 9.45 -11.51 8.15
C2 BGC GA . 4.61 -10.58 -0.98
C3 BGC GA . 5.44 -9.41 -0.56
C4 BGC GA . 4.98 -8.78 0.72
C5 BGC GA . 4.90 -9.84 1.77
C5 BGC GA . 4.93 -9.84 1.76
C6 BGC GA . 4.22 -9.33 3.11
C6 BGC GA . 4.34 -9.32 3.13
C1 BGC GA . 4.39 -11.49 0.22
O2 BGC GA . 5.26 -11.32 -2.00
O3 BGC GA . 5.50 -8.47 -1.62
O4 BGC GA . 5.86 -7.76 1.10
O5 BGC GA . 3.89 -10.83 1.29
O6 BGC GA . 5.01 -8.38 3.63
O6 BGC GA . 3.30 -8.43 2.97
C1 DVC HA . 10.30 -18.71 -0.64
C1 DVC HA . 10.37 -19.12 -0.66
C2 DVC HA . 11.59 -18.80 0.11
C2 DVC HA . 11.63 -19.10 0.12
C3 DVC HA . 12.22 -20.19 0.01
C3 DVC HA . 12.22 -20.49 0.40
N3 DVC HA . 13.60 -20.14 0.55
N3 DVC HA . 13.67 -20.35 0.62
C4 DVC HA . 12.26 -20.61 -1.44
C4 DVC HA . 12.16 -21.28 -0.90
O4 DVC HA . 13.22 -19.72 -2.13
O4 DVC HA . 13.16 -20.65 -1.81
C5 DVC HA . 10.88 -20.54 -2.13
C5 DVC HA . 10.75 -21.30 -1.56
O5 DVC HA . 10.38 -19.21 -1.95
O5 DVC HA . 10.40 -19.97 -1.82
C6 DVC HA . 10.73 -20.86 -3.61
C6 DVC HA . 10.80 -21.88 -3.04
C3M DVC HA . 11.52 -21.19 0.83
C3M DVC HA . 11.54 -21.17 1.52
O41 DVC HA . 12.84 -21.90 -1.58
O41 DVC HA . 12.58 -22.66 -0.64
C1 CIT IA . -1.31 -17.35 0.70
O1 CIT IA . -1.26 -17.88 1.86
O2 CIT IA . -2.10 -16.45 0.39
C2 CIT IA . -0.42 -17.96 -0.32
C3 CIT IA . -0.20 -17.08 -1.57
O7 CIT IA . -1.34 -16.73 -2.24
C4 CIT IA . 0.48 -15.80 -1.13
C5 CIT IA . 1.04 -14.88 -2.14
O3 CIT IA . 1.26 -15.27 -3.32
O4 CIT IA . 1.29 -13.72 -1.82
C6 CIT IA . 0.54 -17.84 -2.64
O5 CIT IA . -0.01 -18.18 -3.71
O6 CIT IA . 1.77 -18.00 -2.41
#